data_2NOQ
#
_entry.id   2NOQ
#
_cell.length_a   1.000
_cell.length_b   1.000
_cell.length_c   1.000
_cell.angle_alpha   90.00
_cell.angle_beta   90.00
_cell.angle_gamma   90.00
#
_symmetry.space_group_name_H-M   'P 1'
#
loop_
_entity.id
_entity.type
_entity.pdbx_description
1 polymer 'CrPV IRES'
2 polymer '18S ribosomal RNA'
3 polymer '18S ribosomal RNA'
4 polymer '18S ribosomal RNA'
5 polymer '25S ribosomal RNA'
6 polymer '40S ribosomal protein S5'
7 polymer '60S ribosomal protein L1'
8 polymer '60S ribosomal protein L11-B'
#
loop_
_entity_poly.entity_id
_entity_poly.type
_entity_poly.pdbx_seq_one_letter_code
_entity_poly.pdbx_strand_id
1 'polyribonucleotide'
;AAAAAUGUGAUCUUGCUUGUAAAUACAAUUUUGAGAGGUUAAUAAAUUACAAGUAGUGCUAUUUUUGUAUUUAGGUUAGC
UAUUUAGCUUUACGUUCCAGGAUGCCUAGUGGCAGCCCCACAAUAUCCAGGAAGCCCUCUCUGCGGUUUUUCAGAUUAGG
UAGUCGAAAAACCUAAGAAAUUUACCUGCU
;
A
2 'polyribonucleotide' GCGCCGGCCAACUCCGUGCCAGCAGCCGCGGUAAUACGGAGGGCGC B
3 'polyribonucleotide' GCUGCAUGGCCGU C
4 'polyribonucleotide' UCUGGUCAGCAUGGC D
5 'polyribonucleotide' GGGAUGCGUAGGAUAGGUGGGAGCGCAAGCGCCGGUGAAAUACCACCCUUCCC E
6 'polypeptide(L)'
;RYANKRFRKAQCPIIERLTNSLMMNGRNNGKKLKAVRIIKHTLDIINVLTDQNPIQVVVDAITNTGPREDTTRVGGGGAA
RRQAVDVSPLRRVNQAIALLTIGAREAAFRNIKTIAETLAEELINAAKGSSTSYAIKKKDELERVAKSNR
;
F
7 'polypeptide(L)'
;ITSSQVREHVKELLKYSNETKKRNFLETVELQVGLKNYDPQRDKRFSGSLKLPNCPRPNMSICIFGDAFDVDRAKSCGVD
AMSVDDLKKLNKNKKLIKKLSKKYNAFIASEVLIKQVPRLLGPQLSKAGKFPTPVSHNDDLYGKVTDVRSTIKFQLKKVL
CLAVAVGNVEMEEDVLVNQILMSVNFFVSLLKKNWQNVGSLVVKSSMGPAFRL
;
G
8 'polypeptide(L)'
;NPMRDLKIEKLVLNISVGESGDRLTRASKVLEQLSGQTPVQSKARYTVRTFGIRRNEKIAVHVTVRGPKAEEILERGLKV
KEYQLRDRNFSATGNFGFGIDEHIDLGIKYDPSIGIFGMDFYVVMNRPGARVTRRKRCKGTVGNSHKTTKEDTVSWFKQK
YDADV
;
H
#
loop_
_chem_comp.id
_chem_comp.type
_chem_comp.name
_chem_comp.formula
A RNA linking ADENOSINE-5'-MONOPHOSPHATE 'C10 H14 N5 O7 P'
C RNA linking CYTIDINE-5'-MONOPHOSPHATE 'C9 H14 N3 O8 P'
G RNA linking GUANOSINE-5'-MONOPHOSPHATE 'C10 H14 N5 O8 P'
U RNA linking URIDINE-5'-MONOPHOSPHATE 'C9 H13 N2 O9 P'
#
# COMPACT_ATOMS: atom_id res chain seq x y z
N ARG F 1 -20.12 -56.22 -30.05
CA ARG F 1 -19.82 -54.78 -30.22
C ARG F 1 -19.08 -54.54 -31.49
N TYR F 2 -17.85 -54.03 -31.35
CA TYR F 2 -17.04 -53.73 -32.49
C TYR F 2 -16.78 -55.03 -33.19
N ALA F 3 -16.39 -56.07 -32.44
CA ALA F 3 -16.11 -57.33 -33.05
C ALA F 3 -15.74 -58.27 -31.97
N ASN F 4 -15.47 -59.54 -32.32
CA ASN F 4 -15.09 -60.49 -31.33
C ASN F 4 -13.69 -60.15 -30.90
N LYS F 5 -13.37 -60.49 -29.64
CA LYS F 5 -12.09 -60.17 -29.08
C LYS F 5 -11.05 -60.93 -29.83
N ARG F 6 -10.10 -60.23 -30.46
CA ARG F 6 -9.09 -60.97 -31.13
C ARG F 6 -7.97 -61.16 -30.15
N PHE F 7 -7.34 -62.35 -30.18
CA PHE F 7 -6.28 -62.62 -29.27
C PHE F 7 -5.07 -61.91 -29.79
N ARG F 8 -4.23 -61.39 -28.88
CA ARG F 8 -3.09 -60.63 -29.30
C ARG F 8 -1.86 -61.42 -29.00
N LYS F 9 -0.87 -61.32 -29.91
CA LYS F 9 0.37 -62.03 -29.73
C LYS F 9 1.07 -61.39 -28.57
N ALA F 10 1.66 -62.21 -27.70
CA ALA F 10 2.29 -61.71 -26.51
C ALA F 10 3.51 -60.93 -26.90
N GLN F 11 4.02 -60.12 -25.96
CA GLN F 11 5.13 -59.24 -26.21
C GLN F 11 6.41 -59.98 -26.41
N CYS F 12 7.21 -59.48 -27.37
CA CYS F 12 8.45 -60.10 -27.70
C CYS F 12 9.40 -60.05 -26.53
N PRO F 13 9.56 -58.94 -25.87
CA PRO F 13 10.46 -58.92 -24.74
C PRO F 13 10.04 -59.68 -23.53
N ILE F 14 8.84 -59.39 -23.02
CA ILE F 14 8.27 -60.13 -21.94
C ILE F 14 7.05 -60.58 -22.59
N ILE F 15 6.77 -61.90 -22.60
CA ILE F 15 5.71 -62.37 -23.45
C ILE F 15 4.41 -62.16 -22.74
N GLU F 16 4.04 -60.88 -22.55
CA GLU F 16 2.83 -60.54 -21.89
C GLU F 16 1.94 -59.90 -22.91
N ARG F 17 0.72 -60.46 -23.01
CA ARG F 17 -0.28 -60.00 -23.94
C ARG F 17 -0.71 -58.62 -23.59
N LEU F 18 -0.87 -58.34 -22.28
CA LEU F 18 -1.38 -57.09 -21.84
C LEU F 18 -0.49 -56.00 -22.33
N THR F 19 0.82 -56.28 -22.38
CA THR F 19 1.77 -55.29 -22.82
C THR F 19 1.50 -54.91 -24.24
N ASN F 20 1.25 -55.91 -25.11
CA ASN F 20 1.07 -55.63 -26.51
C ASN F 20 -0.10 -54.71 -26.63
N SER F 21 -1.15 -54.95 -25.83
CA SER F 21 -2.34 -54.15 -25.90
C SER F 21 -1.96 -52.73 -25.65
N LEU F 22 -1.15 -52.51 -24.61
CA LEU F 22 -0.73 -51.19 -24.21
C LEU F 22 -0.02 -50.55 -25.35
N MET F 23 0.84 -51.34 -26.04
CA MET F 23 1.62 -50.85 -27.14
C MET F 23 0.70 -50.43 -28.24
N MET F 24 -0.38 -51.19 -28.47
CA MET F 24 -1.29 -50.86 -29.53
C MET F 24 -1.90 -49.52 -29.23
N ASN F 25 -2.18 -49.27 -27.94
CA ASN F 25 -2.81 -48.03 -27.54
C ASN F 25 -1.90 -46.89 -27.89
N GLY F 26 -0.58 -47.07 -27.70
CA GLY F 26 0.36 -46.03 -27.98
C GLY F 26 0.45 -45.78 -29.46
N ARG F 27 0.46 -46.86 -30.26
CA ARG F 27 0.73 -46.74 -31.67
C ARG F 27 -0.36 -46.00 -32.38
N ASN F 28 0.02 -45.28 -33.46
CA ASN F 28 -0.95 -44.63 -34.29
C ASN F 28 -0.35 -44.61 -35.67
N ASN F 29 -1.20 -44.69 -36.71
CA ASN F 29 -0.73 -44.74 -38.06
C ASN F 29 0.00 -46.02 -38.29
N GLY F 30 -0.24 -47.02 -37.42
CA GLY F 30 0.33 -48.32 -37.62
C GLY F 30 1.82 -48.26 -37.48
N LYS F 31 2.37 -47.22 -36.83
CA LYS F 31 3.80 -47.19 -36.65
C LYS F 31 4.04 -48.04 -35.44
N LYS F 32 3.97 -49.38 -35.63
CA LYS F 32 4.07 -50.34 -34.59
C LYS F 32 5.42 -50.26 -33.97
N LEU F 33 6.45 -50.00 -34.79
CA LEU F 33 7.81 -49.98 -34.33
C LEU F 33 8.04 -48.85 -33.35
N LYS F 34 7.62 -47.62 -33.71
CA LYS F 34 7.89 -46.52 -32.83
C LYS F 34 7.18 -46.81 -31.55
N ALA F 35 5.97 -47.37 -31.66
CA ALA F 35 5.16 -47.64 -30.51
C ALA F 35 5.87 -48.61 -29.61
N VAL F 36 6.46 -49.69 -30.16
CA VAL F 36 7.08 -50.63 -29.27
C VAL F 36 8.25 -49.98 -28.59
N ARG F 37 9.02 -49.17 -29.34
CA ARG F 37 10.21 -48.56 -28.80
C ARG F 37 9.86 -47.70 -27.63
N ILE F 38 8.82 -46.85 -27.77
CA ILE F 38 8.52 -45.92 -26.71
C ILE F 38 8.25 -46.69 -25.47
N ILE F 39 7.46 -47.78 -25.54
CA ILE F 39 7.17 -48.54 -24.36
C ILE F 39 8.40 -49.18 -23.79
N LYS F 40 9.30 -49.70 -24.64
CA LYS F 40 10.48 -50.36 -24.14
C LYS F 40 11.36 -49.37 -23.46
N HIS F 41 11.55 -48.20 -24.10
CA HIS F 41 12.43 -47.23 -23.53
C HIS F 41 11.87 -46.81 -22.22
N THR F 42 10.54 -46.71 -22.10
CA THR F 42 9.97 -46.29 -20.86
C THR F 42 10.34 -47.32 -19.82
N LEU F 43 10.27 -48.62 -20.17
CA LEU F 43 10.55 -49.66 -19.23
C LEU F 43 11.94 -49.50 -18.71
N ASP F 44 12.88 -49.06 -19.58
CA ASP F 44 14.24 -48.85 -19.17
C ASP F 44 14.28 -47.70 -18.21
N ILE F 45 13.40 -46.71 -18.42
CA ILE F 45 13.30 -45.54 -17.60
C ILE F 45 12.80 -45.95 -16.24
N ILE F 46 11.90 -46.93 -16.20
CA ILE F 46 11.34 -47.44 -14.99
C ILE F 46 12.41 -48.14 -14.22
N ASN F 47 13.36 -48.79 -14.93
CA ASN F 47 14.42 -49.50 -14.28
C ASN F 47 15.37 -48.57 -13.58
N VAL F 48 15.82 -47.50 -14.25
CA VAL F 48 16.79 -46.66 -13.61
C VAL F 48 16.19 -45.90 -12.45
N LEU F 49 15.13 -45.11 -12.72
CA LEU F 49 14.58 -44.27 -11.70
C LEU F 49 14.06 -45.13 -10.60
N THR F 50 13.48 -46.29 -10.93
CA THR F 50 12.91 -47.09 -9.88
C THR F 50 13.55 -48.44 -9.92
N ASP F 51 13.88 -48.94 -8.72
CA ASP F 51 14.59 -50.17 -8.50
C ASP F 51 13.78 -51.32 -9.02
N GLN F 52 12.44 -51.17 -9.03
CA GLN F 52 11.57 -52.26 -9.38
C GLN F 52 11.61 -52.58 -10.85
N ASN F 53 11.24 -53.83 -11.19
CA ASN F 53 11.20 -54.27 -12.55
C ASN F 53 9.99 -53.67 -13.18
N PRO F 54 10.18 -53.15 -14.36
CA PRO F 54 9.17 -52.44 -15.09
C PRO F 54 7.88 -53.20 -15.24
N ILE F 55 7.94 -54.51 -15.53
CA ILE F 55 6.76 -55.25 -15.82
C ILE F 55 5.83 -55.16 -14.65
N GLN F 56 6.37 -55.25 -13.43
CA GLN F 56 5.56 -55.18 -12.25
C GLN F 56 4.97 -53.81 -12.10
N VAL F 57 5.76 -52.77 -12.41
CA VAL F 57 5.29 -51.42 -12.20
C VAL F 57 4.11 -51.18 -13.09
N VAL F 58 4.20 -51.62 -14.36
CA VAL F 58 3.13 -51.35 -15.28
C VAL F 58 1.87 -52.02 -14.82
N VAL F 59 1.92 -53.32 -14.50
CA VAL F 59 0.73 -54.04 -14.15
C VAL F 59 0.09 -53.37 -12.99
N ASP F 60 0.89 -52.94 -12.00
CA ASP F 60 0.28 -52.34 -10.85
C ASP F 60 -0.41 -51.08 -11.30
N ALA F 61 0.15 -50.37 -12.29
CA ALA F 61 -0.46 -49.12 -12.68
C ALA F 61 -1.83 -49.39 -13.21
N ILE F 62 -1.96 -50.39 -14.11
CA ILE F 62 -3.22 -50.65 -14.73
C ILE F 62 -4.23 -50.93 -13.66
N THR F 63 -3.82 -51.65 -12.61
CA THR F 63 -4.78 -52.01 -11.60
C THR F 63 -5.37 -50.78 -10.98
N ASN F 64 -4.55 -49.76 -10.67
CA ASN F 64 -5.02 -48.58 -10.03
C ASN F 64 -5.96 -47.83 -10.92
N THR F 65 -5.71 -47.88 -12.25
CA THR F 65 -6.44 -47.17 -13.26
C THR F 65 -7.76 -47.78 -13.61
N GLY F 66 -7.99 -49.08 -13.38
CA GLY F 66 -9.23 -49.69 -13.79
C GLY F 66 -10.38 -49.26 -12.91
N PRO F 67 -11.41 -48.72 -13.51
CA PRO F 67 -12.57 -48.33 -12.77
C PRO F 67 -13.42 -49.53 -12.45
N ARG F 68 -13.85 -49.67 -11.19
CA ARG F 68 -14.74 -50.73 -10.77
C ARG F 68 -16.16 -50.42 -11.18
N GLU F 69 -16.57 -49.14 -11.07
CA GLU F 69 -17.92 -48.79 -11.39
C GLU F 69 -17.89 -47.55 -12.22
N ASP F 70 -18.84 -47.45 -13.18
CA ASP F 70 -18.92 -46.32 -14.05
C ASP F 70 -20.37 -45.95 -14.12
N THR F 71 -20.67 -44.70 -14.50
CA THR F 71 -22.05 -44.30 -14.59
C THR F 71 -22.43 -44.24 -16.04
N THR F 72 -23.59 -44.82 -16.37
CA THR F 72 -24.07 -44.82 -17.72
C THR F 72 -25.40 -44.13 -17.69
N ARG F 73 -25.70 -43.30 -18.70
CA ARG F 73 -26.94 -42.58 -18.70
C ARG F 73 -28.03 -43.52 -19.11
N VAL F 74 -29.28 -43.20 -18.72
CA VAL F 74 -30.41 -44.00 -19.10
C VAL F 74 -31.60 -43.08 -19.00
N GLY F 75 -32.66 -43.35 -19.77
CA GLY F 75 -33.77 -42.45 -19.72
C GLY F 75 -34.80 -43.07 -18.83
N GLY F 76 -35.12 -42.36 -17.74
CA GLY F 76 -36.15 -42.80 -16.84
C GLY F 76 -37.34 -42.03 -17.28
N GLY F 77 -38.44 -42.08 -16.50
CA GLY F 77 -39.62 -41.39 -16.91
C GLY F 77 -39.28 -39.95 -17.05
N GLY F 78 -38.53 -39.39 -16.08
CA GLY F 78 -38.22 -38.01 -16.23
C GLY F 78 -36.73 -37.89 -16.23
N ALA F 79 -36.19 -37.14 -17.21
CA ALA F 79 -34.79 -36.89 -17.29
C ALA F 79 -34.05 -38.17 -17.47
N ALA F 80 -32.78 -38.08 -17.89
CA ALA F 80 -32.02 -39.29 -18.05
C ALA F 80 -31.16 -39.42 -16.84
N ARG F 81 -31.48 -40.38 -15.96
CA ARG F 81 -30.70 -40.56 -14.77
C ARG F 81 -29.45 -41.28 -15.14
N ARG F 82 -28.36 -41.04 -14.39
CA ARG F 82 -27.15 -41.73 -14.70
C ARG F 82 -27.03 -42.90 -13.79
N GLN F 83 -27.32 -44.10 -14.32
CA GLN F 83 -27.28 -45.31 -13.54
C GLN F 83 -25.85 -45.75 -13.39
N ALA F 84 -25.47 -46.08 -12.14
CA ALA F 84 -24.15 -46.57 -11.85
C ALA F 84 -24.17 -48.03 -12.14
N VAL F 85 -23.03 -48.57 -12.65
CA VAL F 85 -23.02 -49.98 -12.95
C VAL F 85 -21.61 -50.48 -12.90
N ASP F 86 -21.46 -51.81 -12.83
CA ASP F 86 -20.17 -52.42 -12.76
C ASP F 86 -19.57 -52.28 -14.11
N VAL F 87 -18.27 -52.64 -14.24
CA VAL F 87 -17.69 -52.54 -15.53
C VAL F 87 -17.15 -53.90 -15.85
N SER F 88 -17.25 -54.32 -17.12
CA SER F 88 -16.80 -55.64 -17.49
C SER F 88 -15.33 -55.69 -17.25
N PRO F 89 -14.83 -56.87 -16.99
CA PRO F 89 -13.42 -57.02 -16.78
C PRO F 89 -12.69 -56.67 -18.03
N LEU F 90 -13.29 -56.96 -19.19
CA LEU F 90 -12.67 -56.65 -20.44
C LEU F 90 -12.67 -55.16 -20.61
N ARG F 91 -13.78 -54.51 -20.26
CA ARG F 91 -13.97 -53.09 -20.42
C ARG F 91 -12.99 -52.35 -19.57
N ARG F 92 -12.76 -52.85 -18.35
CA ARG F 92 -11.90 -52.13 -17.45
C ARG F 92 -10.52 -52.03 -18.01
N VAL F 93 -10.00 -53.10 -18.63
CA VAL F 93 -8.67 -53.00 -19.15
C VAL F 93 -8.61 -51.98 -20.24
N ASN F 94 -9.56 -52.00 -21.18
CA ASN F 94 -9.44 -51.10 -22.29
C ASN F 94 -9.45 -49.69 -21.79
N GLN F 95 -10.28 -49.40 -20.77
CA GLN F 95 -10.34 -48.06 -20.23
C GLN F 95 -9.04 -47.72 -19.57
N ALA F 96 -8.47 -48.66 -18.79
CA ALA F 96 -7.29 -48.35 -18.05
C ALA F 96 -6.17 -48.03 -18.98
N ILE F 97 -5.94 -48.87 -19.99
CA ILE F 97 -4.84 -48.69 -20.89
C ILE F 97 -5.04 -47.40 -21.63
N ALA F 98 -6.27 -47.17 -22.10
CA ALA F 98 -6.52 -45.99 -22.87
C ALA F 98 -6.26 -44.79 -22.02
N LEU F 99 -6.75 -44.79 -20.77
CA LEU F 99 -6.59 -43.62 -19.96
C LEU F 99 -5.13 -43.38 -19.67
N LEU F 100 -4.32 -44.44 -19.48
CA LEU F 100 -2.92 -44.19 -19.20
C LEU F 100 -2.31 -43.45 -20.35
N THR F 101 -2.48 -43.96 -21.58
CA THR F 101 -1.82 -43.35 -22.71
C THR F 101 -2.28 -41.94 -22.85
N ILE F 102 -3.57 -41.68 -22.62
CA ILE F 102 -4.06 -40.33 -22.80
C ILE F 102 -3.44 -39.41 -21.80
N GLY F 103 -3.42 -39.81 -20.51
CA GLY F 103 -2.88 -38.97 -19.47
C GLY F 103 -1.41 -38.80 -19.72
N ALA F 104 -0.76 -39.87 -20.20
CA ALA F 104 0.66 -39.82 -20.43
C ALA F 104 0.94 -38.76 -21.45
N ARG F 105 0.10 -38.69 -22.50
CA ARG F 105 0.24 -37.72 -23.54
C ARG F 105 0.02 -36.37 -22.94
N GLU F 106 -0.80 -36.34 -21.88
CA GLU F 106 -1.19 -35.16 -21.17
C GLU F 106 -0.03 -34.51 -20.51
N ALA F 107 0.95 -35.31 -20.02
CA ALA F 107 2.05 -34.76 -19.28
C ALA F 107 2.80 -33.75 -20.08
N ALA F 108 3.27 -32.70 -19.35
CA ALA F 108 4.03 -31.62 -19.91
C ALA F 108 5.38 -32.10 -20.33
N PHE F 109 6.01 -32.95 -19.50
CA PHE F 109 7.36 -33.37 -19.73
C PHE F 109 7.44 -33.94 -21.10
N ARG F 110 8.30 -33.37 -21.94
CA ARG F 110 8.45 -33.94 -23.23
C ARG F 110 9.78 -34.59 -23.18
N ASN F 111 9.83 -35.89 -22.84
CA ASN F 111 11.14 -36.45 -22.71
C ASN F 111 11.29 -37.62 -23.58
N ILE F 112 12.56 -37.78 -24.03
CA ILE F 112 13.00 -38.71 -25.03
C ILE F 112 12.58 -38.05 -26.30
N LYS F 113 13.16 -38.44 -27.44
CA LYS F 113 12.84 -37.81 -28.69
C LYS F 113 11.36 -37.88 -28.80
N THR F 114 10.79 -38.99 -28.31
CA THR F 114 9.37 -39.10 -28.33
C THR F 114 8.83 -38.85 -26.96
N ILE F 115 7.65 -39.45 -26.77
CA ILE F 115 6.72 -39.59 -25.68
C ILE F 115 7.24 -40.49 -24.58
N ALA F 116 8.31 -41.28 -24.84
CA ALA F 116 8.72 -42.36 -23.98
C ALA F 116 8.83 -41.97 -22.53
N GLU F 117 9.32 -40.76 -22.17
CA GLU F 117 9.37 -40.49 -20.74
C GLU F 117 7.99 -40.33 -20.17
N THR F 118 7.06 -39.69 -20.89
CA THR F 118 5.77 -39.42 -20.33
C THR F 118 5.14 -40.71 -19.96
N LEU F 119 5.34 -41.77 -20.79
CA LEU F 119 4.80 -43.05 -20.45
C LEU F 119 5.48 -43.55 -19.21
N ALA F 120 6.82 -43.40 -19.13
CA ALA F 120 7.53 -43.95 -18.00
C ALA F 120 7.05 -43.31 -16.74
N GLU F 121 6.97 -41.96 -16.71
CA GLU F 121 6.57 -41.23 -15.54
C GLU F 121 5.13 -41.53 -15.22
N GLU F 122 4.28 -41.62 -16.24
CA GLU F 122 2.87 -41.82 -16.03
C GLU F 122 2.66 -43.11 -15.31
N LEU F 123 3.34 -44.17 -15.76
CA LEU F 123 3.11 -45.46 -15.18
C LEU F 123 3.48 -45.43 -13.73
N ILE F 124 4.64 -44.85 -13.38
CA ILE F 124 5.04 -44.86 -12.00
C ILE F 124 4.04 -44.10 -11.20
N ASN F 125 3.61 -42.93 -11.72
CA ASN F 125 2.69 -42.07 -11.02
C ASN F 125 1.43 -42.80 -10.75
N ALA F 126 1.05 -43.74 -11.64
CA ALA F 126 -0.11 -44.59 -11.57
C ALA F 126 -0.08 -45.66 -10.49
N ALA F 127 1.10 -46.20 -10.14
CA ALA F 127 1.36 -47.44 -9.43
C ALA F 127 0.63 -47.68 -8.12
N LYS F 128 0.17 -46.66 -7.39
CA LYS F 128 -0.42 -46.81 -6.08
C LYS F 128 0.72 -46.98 -5.12
N GLY F 129 1.89 -47.40 -5.65
CA GLY F 129 3.08 -47.19 -4.90
C GLY F 129 3.00 -45.73 -4.99
N SER F 130 2.64 -45.28 -6.21
CA SER F 130 2.26 -43.91 -6.37
C SER F 130 0.99 -44.01 -7.10
N SER F 131 -0.16 -43.74 -6.46
CA SER F 131 -1.43 -43.81 -7.13
C SER F 131 -1.89 -42.41 -7.33
N THR F 132 -1.18 -41.69 -8.21
CA THR F 132 -1.48 -40.33 -8.52
C THR F 132 -1.40 -40.27 -10.00
N SER F 133 -1.50 -39.05 -10.57
CA SER F 133 -1.35 -38.80 -11.96
C SER F 133 -2.71 -38.68 -12.57
N TYR F 134 -2.73 -38.16 -13.82
CA TYR F 134 -3.95 -37.86 -14.51
C TYR F 134 -4.73 -39.11 -14.75
N ALA F 135 -4.05 -40.25 -15.01
CA ALA F 135 -4.79 -41.44 -15.31
C ALA F 135 -5.66 -41.84 -14.15
N ILE F 136 -5.09 -41.88 -12.94
CA ILE F 136 -5.77 -42.30 -11.76
C ILE F 136 -6.88 -41.34 -11.48
N LYS F 137 -6.69 -40.05 -11.80
CA LYS F 137 -7.71 -39.08 -11.52
C LYS F 137 -8.98 -39.48 -12.19
N LYS F 138 -8.92 -39.79 -13.50
CA LYS F 138 -10.11 -40.10 -14.24
C LYS F 138 -10.75 -41.28 -13.59
N LYS F 139 -9.95 -42.29 -13.24
CA LYS F 139 -10.46 -43.49 -12.66
C LYS F 139 -11.20 -43.17 -11.40
N ASP F 140 -10.59 -42.36 -10.51
CA ASP F 140 -11.17 -42.05 -9.25
C ASP F 140 -12.42 -41.25 -9.47
N GLU F 141 -12.38 -40.36 -10.47
CA GLU F 141 -13.50 -39.50 -10.69
C GLU F 141 -14.69 -40.28 -11.13
N LEU F 142 -14.51 -41.30 -12.01
CA LEU F 142 -15.66 -42.04 -12.45
C LEU F 142 -16.29 -42.76 -11.30
N GLU F 143 -15.48 -43.42 -10.46
CA GLU F 143 -16.01 -44.19 -9.38
C GLU F 143 -16.74 -43.27 -8.48
N ARG F 144 -16.20 -42.05 -8.27
CA ARG F 144 -16.83 -41.12 -7.39
C ARG F 144 -18.18 -40.78 -7.95
N VAL F 145 -18.26 -40.58 -9.28
CA VAL F 145 -19.51 -40.21 -9.88
C VAL F 145 -20.48 -41.30 -9.61
N ALA F 146 -20.05 -42.57 -9.77
CA ALA F 146 -20.91 -43.66 -9.46
C ALA F 146 -20.99 -43.67 -7.97
N LYS F 147 -22.04 -44.28 -7.43
CA LYS F 147 -22.25 -44.35 -6.01
C LYS F 147 -22.58 -42.99 -5.48
N SER F 148 -22.41 -41.94 -6.30
CA SER F 148 -22.92 -40.65 -5.94
C SER F 148 -24.36 -40.76 -6.24
N ASN F 149 -24.66 -41.35 -7.42
CA ASN F 149 -26.01 -41.56 -7.82
C ASN F 149 -26.28 -43.00 -7.56
N ARG F 150 -26.04 -43.45 -6.33
CA ARG F 150 -26.26 -44.82 -6.00
C ARG F 150 -27.75 -45.07 -6.09
N ILE G 1 -21.97 20.59 54.10
CA ILE G 1 -22.10 21.53 52.96
C ILE G 1 -21.82 22.94 53.38
N THR G 2 -22.69 23.53 54.23
CA THR G 2 -22.41 24.86 54.70
C THR G 2 -21.49 24.69 55.86
N SER G 3 -20.78 25.77 56.24
CA SER G 3 -19.80 25.68 57.28
C SER G 3 -20.46 25.35 58.58
N SER G 4 -21.60 25.98 58.89
CA SER G 4 -22.21 25.75 60.17
C SER G 4 -22.61 24.33 60.29
N GLN G 5 -23.16 23.75 59.20
CA GLN G 5 -23.67 22.42 59.23
C GLN G 5 -22.53 21.46 59.48
N VAL G 6 -21.37 21.69 58.85
CA VAL G 6 -20.24 20.80 59.04
C VAL G 6 -19.73 20.93 60.44
N ARG G 7 -19.73 22.15 61.00
CA ARG G 7 -19.22 22.34 62.33
C ARG G 7 -20.00 21.48 63.27
N GLU G 8 -21.33 21.41 63.09
CA GLU G 8 -22.20 20.63 63.95
C GLU G 8 -21.86 19.18 63.83
N HIS G 9 -21.59 18.73 62.60
CA HIS G 9 -21.28 17.39 62.21
C HIS G 9 -20.07 16.98 63.00
N VAL G 10 -19.02 17.82 62.94
CA VAL G 10 -17.76 17.57 63.59
C VAL G 10 -17.95 17.55 65.07
N LYS G 11 -18.70 18.53 65.60
CA LYS G 11 -18.87 18.66 67.02
C LYS G 11 -19.57 17.45 67.55
N GLU G 12 -20.64 17.04 66.85
CA GLU G 12 -21.45 15.93 67.27
C GLU G 12 -20.61 14.69 67.25
N LEU G 13 -19.79 14.53 66.20
CA LEU G 13 -18.99 13.36 66.03
C LEU G 13 -18.08 13.18 67.20
N LEU G 14 -17.46 14.27 67.67
CA LEU G 14 -16.52 14.16 68.76
C LEU G 14 -17.23 13.68 69.99
N LYS G 15 -18.43 14.23 70.25
CA LYS G 15 -19.13 13.91 71.45
C LYS G 15 -19.53 12.47 71.47
N TYR G 16 -20.00 11.94 70.33
CA TYR G 16 -20.48 10.60 70.25
C TYR G 16 -19.38 9.60 70.52
N SER G 17 -18.15 9.87 70.04
CA SER G 17 -17.11 8.90 70.20
C SER G 17 -16.95 8.59 71.65
N ASN G 18 -17.10 7.31 72.00
CA ASN G 18 -17.03 6.93 73.37
C ASN G 18 -16.59 5.52 73.46
N GLU G 19 -16.85 4.95 74.66
CA GLU G 19 -16.54 3.62 75.08
C GLU G 19 -16.12 3.89 76.49
N THR G 20 -15.19 4.86 76.56
CA THR G 20 -14.68 5.46 77.75
C THR G 20 -14.77 6.91 77.41
N LYS G 21 -14.09 7.80 78.17
CA LYS G 21 -14.21 9.18 77.81
C LYS G 21 -13.66 9.33 76.42
N LYS G 22 -12.54 8.64 76.12
CA LYS G 22 -11.94 8.69 74.82
C LYS G 22 -10.95 7.57 74.83
N ARG G 23 -10.66 6.99 73.65
CA ARG G 23 -9.70 5.93 73.62
C ARG G 23 -8.40 6.51 74.03
N ASN G 24 -7.45 5.65 74.46
CA ASN G 24 -6.18 6.15 74.89
C ASN G 24 -5.50 6.81 73.73
N PHE G 25 -5.62 6.21 72.53
CA PHE G 25 -4.95 6.76 71.38
C PHE G 25 -5.82 7.79 70.75
N LEU G 26 -5.20 8.76 70.04
CA LEU G 26 -5.97 9.78 69.41
C LEU G 26 -6.54 9.23 68.16
N GLU G 27 -7.88 9.33 68.01
CA GLU G 27 -8.52 8.84 66.83
C GLU G 27 -8.37 9.87 65.77
N THR G 28 -8.73 9.51 64.53
CA THR G 28 -8.64 10.43 63.45
C THR G 28 -10.02 10.61 62.92
N VAL G 29 -10.22 11.71 62.18
CA VAL G 29 -11.52 12.02 61.66
C VAL G 29 -11.54 11.67 60.21
N GLU G 30 -12.61 10.97 59.80
CA GLU G 30 -12.78 10.53 58.44
C GLU G 30 -13.98 11.24 57.91
N LEU G 31 -13.94 11.63 56.63
CA LEU G 31 -15.09 12.25 56.02
C LEU G 31 -15.51 11.30 54.94
N GLN G 32 -16.81 10.94 54.88
CA GLN G 32 -17.23 10.05 53.84
C GLN G 32 -18.35 10.70 53.08
N VAL G 33 -18.39 10.52 51.75
CA VAL G 33 -19.44 11.13 50.99
C VAL G 33 -19.87 10.13 49.96
N GLY G 34 -21.19 10.08 49.68
CA GLY G 34 -21.65 9.18 48.65
C GLY G 34 -22.08 10.05 47.53
N LEU G 35 -21.91 9.58 46.27
CA LEU G 35 -22.24 10.40 45.14
C LEU G 35 -23.43 9.80 44.47
N LYS G 36 -24.20 10.64 43.75
CA LYS G 36 -25.33 10.12 43.07
C LYS G 36 -25.37 10.70 41.69
N ASN G 37 -26.02 9.95 40.78
CA ASN G 37 -26.23 10.32 39.41
C ASN G 37 -24.93 10.59 38.72
N TYR G 38 -23.89 9.75 38.94
CA TYR G 38 -22.71 9.91 38.17
C TYR G 38 -22.33 8.53 37.72
N ASP G 39 -21.94 8.38 36.44
CA ASP G 39 -21.59 7.06 35.98
C ASP G 39 -20.14 6.83 36.26
N PRO G 40 -19.91 5.84 37.06
CA PRO G 40 -18.61 5.41 37.48
C PRO G 40 -17.84 4.85 36.33
N GLN G 41 -18.53 4.45 35.25
CA GLN G 41 -17.88 3.83 34.13
C GLN G 41 -16.97 4.80 33.45
N ARG G 42 -17.42 6.06 33.29
CA ARG G 42 -16.64 7.05 32.59
C ARG G 42 -15.57 7.55 33.50
N ASP G 43 -14.73 8.50 32.99
CA ASP G 43 -13.65 9.04 33.78
C ASP G 43 -14.20 10.01 34.79
N LYS G 44 -15.39 9.67 35.32
CA LYS G 44 -16.05 10.33 36.39
C LYS G 44 -15.35 10.01 37.67
N ARG G 45 -14.57 8.92 37.69
CA ARG G 45 -13.94 8.53 38.91
C ARG G 45 -12.93 9.57 39.30
N PHE G 46 -12.71 9.75 40.62
CA PHE G 46 -11.79 10.76 41.06
C PHE G 46 -10.66 10.09 41.74
N SER G 47 -9.44 10.47 41.32
CA SER G 47 -8.24 10.06 41.97
C SER G 47 -7.49 11.34 42.02
N GLY G 48 -7.19 11.84 43.23
CA GLY G 48 -6.54 13.11 43.24
C GLY G 48 -5.92 13.31 44.58
N SER G 49 -4.99 14.29 44.64
CA SER G 49 -4.35 14.57 45.89
C SER G 49 -4.84 15.91 46.32
N LEU G 50 -5.11 16.07 47.63
CA LEU G 50 -5.54 17.34 48.11
C LEU G 50 -4.60 17.74 49.19
N LYS G 51 -4.10 18.98 49.15
CA LYS G 51 -3.27 19.43 50.24
C LYS G 51 -4.23 19.95 51.26
N LEU G 52 -4.24 19.38 52.47
CA LEU G 52 -5.16 19.87 53.44
C LEU G 52 -4.55 21.10 54.03
N PRO G 53 -5.35 22.09 54.32
CA PRO G 53 -4.81 23.32 54.85
C PRO G 53 -4.20 23.16 56.19
N ASN G 54 -4.63 22.17 57.00
CA ASN G 54 -4.05 22.10 58.30
C ASN G 54 -3.44 20.75 58.52
N CYS G 55 -2.96 20.07 57.45
CA CYS G 55 -2.31 18.80 57.66
C CYS G 55 -3.30 17.75 58.06
N PRO G 56 -2.88 16.53 57.89
CA PRO G 56 -3.69 15.38 58.25
C PRO G 56 -3.77 15.01 59.69
N ARG G 57 -2.85 15.53 60.51
CA ARG G 57 -2.53 15.20 61.89
C ARG G 57 -1.48 14.11 61.88
N PRO G 58 -1.40 13.15 60.96
CA PRO G 58 -0.28 12.25 60.98
C PRO G 58 0.98 12.70 60.33
N ASN G 59 1.10 13.85 59.63
CA ASN G 59 2.37 14.19 59.01
C ASN G 59 2.94 13.05 58.20
N MET G 60 -0.04 10.49 56.26
CA MET G 60 0.48 9.89 55.05
C MET G 60 1.95 9.65 55.15
N SER G 61 2.39 8.41 54.78
CA SER G 61 3.78 8.07 54.78
C SER G 61 4.34 8.56 53.47
N ILE G 62 5.57 9.13 53.50
CA ILE G 62 6.12 9.71 52.32
C ILE G 62 7.48 9.08 52.11
N CYS G 63 7.89 8.88 50.84
CA CYS G 63 9.18 8.34 50.50
C CYS G 63 9.86 9.38 49.68
N ILE G 64 11.21 9.46 49.77
CA ILE G 64 11.92 10.43 48.98
C ILE G 64 12.90 9.69 48.15
N PHE G 65 12.93 9.98 46.82
CA PHE G 65 13.89 9.37 45.95
C PHE G 65 14.82 10.47 45.53
N GLY G 66 16.12 10.37 45.82
CA GLY G 66 16.98 11.45 45.42
C GLY G 66 18.36 11.25 45.96
N ASP G 67 19.22 12.27 45.76
CA ASP G 67 20.58 12.23 46.22
C ASP G 67 20.78 13.35 47.19
N ALA G 68 22.05 13.50 47.66
CA ALA G 68 22.48 14.35 48.72
C ALA G 68 21.75 15.64 48.70
N PHE G 69 21.51 16.22 49.90
CA PHE G 69 20.79 17.44 50.09
C PHE G 69 19.36 17.03 50.25
N ASP G 70 18.73 16.68 49.13
CA ASP G 70 17.37 16.23 49.11
C ASP G 70 17.29 15.03 50.00
N VAL G 71 18.27 14.11 49.87
CA VAL G 71 18.31 12.92 50.66
C VAL G 71 18.57 13.28 52.08
N ASP G 72 19.42 14.30 52.32
CA ASP G 72 19.76 14.71 53.65
C ASP G 72 18.56 15.24 54.35
N ARG G 73 17.78 16.09 53.65
CA ARG G 73 16.63 16.69 54.26
C ARG G 73 15.66 15.59 54.60
N ALA G 74 15.52 14.61 53.70
CA ALA G 74 14.57 13.55 53.92
C ALA G 74 14.93 12.82 55.19
N LYS G 75 16.22 12.53 55.40
CA LYS G 75 16.64 11.80 56.56
C LYS G 75 16.38 12.61 57.79
N SER G 76 16.57 13.95 57.73
CA SER G 76 16.36 14.75 58.91
C SER G 76 14.91 14.64 59.30
N CYS G 77 14.02 14.65 58.30
CA CYS G 77 12.60 14.58 58.48
C CYS G 77 12.22 13.23 59.02
N GLY G 78 13.04 12.19 58.75
CA GLY G 78 12.72 10.89 59.26
C GLY G 78 11.97 10.11 58.23
N VAL G 79 11.96 10.59 56.97
CA VAL G 79 11.26 9.93 55.90
C VAL G 79 12.13 8.85 55.31
N ASP G 80 11.50 7.87 54.64
CA ASP G 80 12.28 6.84 54.01
C ASP G 80 12.97 7.47 52.84
N ALA G 81 14.23 7.08 52.60
CA ALA G 81 14.94 7.64 51.48
C ALA G 81 15.32 6.53 50.57
N MET G 82 15.08 6.74 49.26
CA MET G 82 15.45 5.79 48.26
C MET G 82 16.51 6.49 47.47
N SER G 83 17.75 5.96 47.48
CA SER G 83 18.86 6.60 46.85
C SER G 83 18.88 6.33 45.38
N VAL G 84 19.64 7.16 44.66
CA VAL G 84 19.75 7.12 43.23
C VAL G 84 20.28 5.79 42.79
N ASP G 85 21.19 5.20 43.58
CA ASP G 85 21.80 3.96 43.22
C ASP G 85 20.79 2.85 43.20
N ASP G 86 19.82 2.88 44.13
CA ASP G 86 18.87 1.81 44.29
C ASP G 86 17.87 1.67 43.19
N LEU G 87 17.61 2.72 42.40
CA LEU G 87 16.52 2.74 41.48
C LEU G 87 16.57 1.56 40.54
N LYS G 88 17.73 1.31 39.91
CA LYS G 88 17.82 0.20 38.98
C LYS G 88 17.62 -1.08 39.72
N LYS G 89 18.18 -1.18 40.94
CA LYS G 89 18.10 -2.41 41.67
C LYS G 89 16.67 -2.74 41.92
N LEU G 90 15.84 -1.73 42.27
CA LEU G 90 14.46 -1.94 42.59
C LEU G 90 13.67 -2.34 41.36
N ASN G 91 14.00 -1.77 40.19
CA ASN G 91 13.31 -2.11 38.97
C ASN G 91 13.47 -3.57 38.76
N LYS G 92 14.66 -4.10 39.06
CA LYS G 92 14.95 -5.49 38.89
C LYS G 92 14.17 -6.33 39.85
N ASN G 93 14.05 -5.91 41.13
CA ASN G 93 13.33 -6.77 42.04
C ASN G 93 11.99 -6.17 42.34
N LYS G 94 10.96 -6.76 41.71
CA LYS G 94 9.59 -6.36 41.80
C LYS G 94 9.09 -6.64 43.18
N LYS G 95 9.60 -7.71 43.82
CA LYS G 95 9.13 -8.10 45.11
C LYS G 95 9.28 -6.97 46.09
N LEU G 96 10.48 -6.36 46.15
CA LEU G 96 10.69 -5.30 47.09
C LEU G 96 9.92 -4.08 46.69
N ILE G 97 9.90 -3.77 45.38
CA ILE G 97 9.29 -2.56 44.91
C ILE G 97 7.84 -2.57 45.26
N LYS G 98 7.17 -3.73 45.10
CA LYS G 98 5.76 -3.82 45.38
C LYS G 98 5.54 -3.45 46.81
N LYS G 99 6.40 -3.95 47.71
CA LYS G 99 6.23 -3.70 49.11
C LYS G 99 6.37 -2.23 49.40
N LEU G 100 7.35 -1.58 48.76
CA LEU G 100 7.61 -0.20 49.01
C LEU G 100 6.43 0.62 48.61
N SER G 101 5.80 0.29 47.46
CA SER G 101 4.69 1.03 46.97
C SER G 101 3.52 0.93 47.90
N LYS G 102 3.28 -0.26 48.46
CA LYS G 102 2.14 -0.46 49.32
C LYS G 102 2.28 0.33 50.59
N LYS G 103 3.51 0.41 51.13
CA LYS G 103 3.77 1.03 52.40
C LYS G 103 3.57 2.53 52.39
N TYR G 104 3.86 3.24 51.27
CA TYR G 104 3.80 4.68 51.38
C TYR G 104 2.75 5.24 50.49
N ASN G 105 2.10 6.33 50.97
CA ASN G 105 1.06 7.01 50.26
C ASN G 105 1.59 7.88 49.16
N ALA G 106 2.70 8.61 49.41
CA ALA G 106 3.17 9.53 48.40
C ALA G 106 4.64 9.35 48.23
N PHE G 107 5.16 9.73 47.04
CA PHE G 107 6.56 9.65 46.74
C PHE G 107 6.95 11.00 46.21
N ILE G 108 8.14 11.49 46.58
CA ILE G 108 8.64 12.72 46.07
C ILE G 108 9.94 12.35 45.43
N ALA G 109 10.29 12.94 44.27
CA ALA G 109 11.52 12.52 43.68
C ALA G 109 12.26 13.69 43.12
N SER G 110 13.61 13.61 43.10
CA SER G 110 14.40 14.66 42.51
C SER G 110 13.99 14.68 41.08
N GLU G 111 13.77 15.88 40.53
CA GLU G 111 13.20 16.02 39.21
C GLU G 111 14.06 15.42 38.14
N VAL G 112 15.39 15.56 38.25
CA VAL G 112 16.29 15.09 37.22
C VAL G 112 16.14 13.61 37.07
N LEU G 113 15.86 12.93 38.19
CA LEU G 113 15.76 11.50 38.34
C LEU G 113 14.58 10.90 37.63
N ILE G 114 13.59 11.73 37.23
CA ILE G 114 12.34 11.25 36.70
C ILE G 114 12.51 10.33 35.52
N LYS G 115 13.47 10.53 34.61
CA LYS G 115 13.51 9.62 33.49
C LYS G 115 13.77 8.23 33.99
N GLN G 116 14.76 8.07 34.89
CA GLN G 116 15.17 6.79 35.38
C GLN G 116 14.07 6.13 36.14
N VAL G 117 13.38 6.88 37.02
CA VAL G 117 12.35 6.28 37.82
C VAL G 117 11.23 5.75 36.97
N PRO G 118 10.65 6.49 36.07
CA PRO G 118 9.71 5.82 35.24
C PRO G 118 10.23 4.68 34.42
N ARG G 119 11.50 4.72 33.98
CA ARG G 119 11.91 3.60 33.19
C ARG G 119 11.84 2.35 34.03
N LEU G 120 12.49 2.38 35.21
CA LEU G 120 12.57 1.25 36.10
C LEU G 120 11.36 0.98 36.96
N LEU G 121 10.91 2.02 37.70
CA LEU G 121 9.83 1.98 38.68
C LEU G 121 8.45 2.09 38.11
N GLY G 122 8.32 2.78 36.96
CA GLY G 122 7.05 3.22 36.46
C GLY G 122 6.07 2.10 36.33
N PRO G 123 6.46 0.92 35.93
CA PRO G 123 5.47 -0.08 35.77
C PRO G 123 4.73 -0.41 37.04
N GLN G 124 5.43 -0.42 38.19
CA GLN G 124 4.78 -0.69 39.45
C GLN G 124 4.04 0.53 39.95
N LEU G 125 4.72 1.69 39.94
CA LEU G 125 4.17 2.88 40.52
C LEU G 125 3.00 3.44 39.78
N SER G 126 3.05 3.45 38.44
CA SER G 126 2.06 4.12 37.62
C SER G 126 0.69 3.54 37.80
N LYS G 127 0.55 2.20 37.81
CA LYS G 127 -0.77 1.62 37.90
C LYS G 127 -1.40 2.07 39.18
N ALA G 128 -0.59 2.10 40.25
CA ALA G 128 -0.96 2.45 41.59
C ALA G 128 -1.38 3.89 41.69
N GLY G 129 -0.82 4.79 40.86
CA GLY G 129 -1.15 6.19 40.98
C GLY G 129 -0.13 6.79 41.89
N LYS G 130 0.88 5.95 42.20
CA LYS G 130 2.02 6.18 43.04
C LYS G 130 3.10 7.02 42.43
N PHE G 131 3.06 7.36 41.12
CA PHE G 131 4.15 8.09 40.51
C PHE G 131 4.54 9.29 41.34
N PRO G 132 5.83 9.47 41.45
CA PRO G 132 6.39 10.50 42.31
C PRO G 132 6.16 11.89 41.81
N THR G 133 6.25 12.89 42.72
CA THR G 133 6.11 14.27 42.37
C THR G 133 7.49 14.83 42.30
N PRO G 134 7.81 15.49 41.23
CA PRO G 134 9.13 16.04 41.09
C PRO G 134 9.30 17.32 41.85
N VAL G 135 10.52 17.53 42.38
CA VAL G 135 10.88 18.73 43.08
C VAL G 135 12.28 19.02 42.64
N SER G 136 12.67 20.32 42.64
CA SER G 136 13.99 20.65 42.19
C SER G 136 14.97 20.03 43.13
N HIS G 137 16.19 19.78 42.62
CA HIS G 137 17.21 19.11 43.36
C HIS G 137 17.55 19.91 44.57
N ASN G 138 17.54 21.25 44.47
CA ASN G 138 17.88 22.06 45.61
C ASN G 138 16.64 22.69 46.17
N ASP G 139 15.54 21.94 46.29
CA ASP G 139 14.34 22.52 46.81
C ASP G 139 14.32 22.35 48.30
N ASP G 140 13.39 23.06 48.98
CA ASP G 140 13.21 22.88 50.39
C ASP G 140 11.98 22.02 50.55
N LEU G 141 12.20 20.80 51.05
CA LEU G 141 11.20 19.79 51.19
C LEU G 141 10.21 20.01 52.31
N TYR G 142 10.60 20.77 53.35
CA TYR G 142 9.82 20.80 54.55
C TYR G 142 8.40 21.21 54.30
N GLY G 143 8.17 22.28 53.52
CA GLY G 143 6.81 22.72 53.34
C GLY G 143 6.00 21.65 52.70
N LYS G 144 6.56 20.98 51.67
CA LYS G 144 5.88 19.96 50.93
C LYS G 144 5.60 18.78 51.81
N VAL G 145 6.58 18.38 52.63
CA VAL G 145 6.38 17.22 53.47
C VAL G 145 5.25 17.52 54.38
N THR G 146 5.20 18.76 54.92
CA THR G 146 4.17 19.09 55.85
C THR G 146 2.82 18.93 55.20
N ASP G 147 2.64 19.50 53.98
CA ASP G 147 1.37 19.48 53.31
C ASP G 147 0.95 18.09 52.96
N VAL G 148 1.88 17.28 52.41
CA VAL G 148 1.59 15.96 51.93
C VAL G 148 1.12 15.09 53.06
N ARG G 149 1.59 15.38 54.29
CA ARG G 149 1.27 14.58 55.42
C ARG G 149 -0.22 14.55 55.59
N SER G 150 1.27 17.30 54.08
CA SER G 150 -0.12 17.28 54.41
C SER G 150 -0.95 16.95 53.20
N THR G 151 -0.66 15.82 52.52
CA THR G 151 -1.45 15.49 51.37
C THR G 151 -2.17 14.21 51.63
N ILE G 152 -3.41 14.14 51.13
CA ILE G 152 -4.24 12.96 51.23
C ILE G 152 -4.68 12.66 49.85
N LYS G 153 -4.95 11.36 49.58
CA LYS G 153 -5.38 10.97 48.27
C LYS G 153 -6.82 10.59 48.34
N PHE G 154 -7.61 11.11 47.38
CA PHE G 154 -9.01 10.83 47.26
C PHE G 154 -9.09 9.85 46.13
N GLN G 155 -9.52 8.61 46.40
CA GLN G 155 -9.58 7.68 45.31
C GLN G 155 -10.89 6.97 45.38
N LEU G 156 -11.77 7.31 44.43
CA LEU G 156 -13.10 6.78 44.29
C LEU G 156 -13.04 5.35 43.84
N LYS G 157 -12.16 5.06 42.87
CA LYS G 157 -12.25 3.77 42.25
C LYS G 157 -13.59 3.80 41.57
N LYS G 158 -14.09 2.61 41.16
CA LYS G 158 -15.35 2.49 40.49
C LYS G 158 -16.52 2.74 41.39
N VAL G 159 -16.33 2.58 42.72
CA VAL G 159 -17.41 2.75 43.67
C VAL G 159 -17.81 4.20 43.70
N LEU G 160 -19.08 4.46 44.08
CA LEU G 160 -19.74 5.74 44.16
C LEU G 160 -19.24 6.59 45.30
N CYS G 161 -18.61 6.02 46.34
CA CYS G 161 -18.28 6.81 47.50
C CYS G 161 -16.80 7.03 47.68
N LEU G 162 -16.45 7.78 48.76
CA LEU G 162 -15.10 8.16 49.03
C LEU G 162 -14.94 8.26 50.52
N ALA G 163 -13.74 7.92 51.05
CA ALA G 163 -13.48 8.13 52.44
C ALA G 163 -12.13 8.80 52.49
N VAL G 164 -11.98 9.89 53.29
CA VAL G 164 -10.71 10.58 53.32
C VAL G 164 -10.40 10.90 54.75
N ALA G 165 -9.09 11.04 55.10
CA ALA G 165 -8.74 11.41 56.44
C ALA G 165 -8.59 12.91 56.42
N VAL G 166 -9.41 13.61 57.24
CA VAL G 166 -9.42 15.03 57.41
C VAL G 166 -8.60 15.62 58.52
N GLY G 167 -8.24 14.86 59.57
CA GLY G 167 -7.53 15.49 60.67
C GLY G 167 -7.50 14.55 61.86
N ASN G 168 -7.29 15.12 63.06
CA ASN G 168 -7.12 14.38 64.30
C ASN G 168 -8.04 14.94 65.32
N VAL G 169 -8.13 14.23 66.46
CA VAL G 169 -8.87 14.63 67.62
C VAL G 169 -8.20 15.83 68.21
N GLU G 170 -6.87 15.96 68.02
CA GLU G 170 -6.06 17.02 68.57
C GLU G 170 -6.44 18.36 68.02
N MET G 171 -6.80 18.43 66.72
CA MET G 171 -7.04 19.67 66.04
C MET G 171 -8.40 20.22 66.38
N GLU G 172 -8.62 21.52 66.07
CA GLU G 172 -9.84 22.19 66.40
C GLU G 172 -10.91 21.85 65.41
N GLU G 173 -12.18 22.05 65.80
CA GLU G 173 -13.29 21.73 64.95
C GLU G 173 -13.23 22.62 63.74
N ASP G 174 -12.75 23.87 63.93
CA ASP G 174 -12.66 24.80 62.85
C ASP G 174 -11.71 24.27 61.82
N VAL G 175 -10.56 23.71 62.26
CA VAL G 175 -9.57 23.24 61.32
C VAL G 175 -10.09 22.07 60.56
N LEU G 176 -10.83 21.16 61.23
CA LEU G 176 -11.31 19.98 60.58
C LEU G 176 -12.24 20.39 59.48
N VAL G 177 -13.07 21.40 59.74
CA VAL G 177 -14.01 21.89 58.75
C VAL G 177 -13.28 22.46 57.59
N ASN G 178 -12.15 23.17 57.83
CA ASN G 178 -11.46 23.80 56.75
C ASN G 178 -10.90 22.76 55.83
N GLN G 179 -10.40 21.64 56.41
CA GLN G 179 -9.83 20.56 55.66
C GLN G 179 -10.88 19.89 54.85
N ILE G 180 -12.09 19.70 55.43
CA ILE G 180 -13.19 19.06 54.76
C ILE G 180 -13.54 19.87 53.55
N LEU G 181 -13.47 21.20 53.67
CA LEU G 181 -13.82 22.10 52.61
C LEU G 181 -12.89 21.89 51.46
N MET G 182 -11.59 21.70 51.74
CA MET G 182 -10.66 21.54 50.66
C MET G 182 -11.00 20.31 49.89
N SER G 183 -11.43 19.24 50.59
CA SER G 183 -11.81 18.03 49.92
C SER G 183 -13.02 18.30 49.05
N VAL G 184 -14.03 18.99 49.61
CA VAL G 184 -15.27 19.25 48.92
C VAL G 184 -15.01 20.04 47.68
N ASN G 185 -14.00 20.93 47.73
CA ASN G 185 -13.71 21.81 46.63
C ASN G 185 -13.36 20.99 45.41
N PHE G 186 -12.64 19.87 45.59
CA PHE G 186 -12.25 19.10 44.44
C PHE G 186 -13.46 18.59 43.72
N PHE G 187 -14.44 18.04 44.46
CA PHE G 187 -15.61 17.48 43.85
C PHE G 187 -16.34 18.57 43.12
N VAL G 188 -16.44 19.76 43.74
CA VAL G 188 -17.19 20.82 43.14
C VAL G 188 -16.63 21.11 41.79
N SER G 189 -15.28 21.10 41.66
CA SER G 189 -14.64 21.40 40.42
C SER G 189 -14.82 20.30 39.41
N LEU G 190 -14.78 19.01 39.82
CA LEU G 190 -14.80 17.98 38.83
C LEU G 190 -16.05 17.89 38.02
N LEU G 191 -17.25 17.87 38.63
CA LEU G 191 -18.39 17.70 37.77
C LEU G 191 -19.10 19.01 37.62
N LYS G 192 -19.80 19.19 36.48
CA LYS G 192 -20.49 20.42 36.19
C LYS G 192 -21.55 20.61 37.21
N LYS G 193 -22.21 19.52 37.61
CA LYS G 193 -23.28 19.54 38.56
C LYS G 193 -22.72 20.04 39.85
N ASN G 194 -21.47 19.68 40.16
CA ASN G 194 -20.80 20.17 41.34
C ASN G 194 -21.19 19.31 42.50
N TRP G 195 -21.33 19.99 43.65
CA TRP G 195 -21.63 19.46 44.95
C TRP G 195 -22.99 18.82 44.88
N GLN G 196 -23.80 19.17 43.87
CA GLN G 196 -25.12 18.65 43.78
C GLN G 196 -25.03 17.15 43.79
N ASN G 197 -23.92 16.59 43.28
CA ASN G 197 -23.72 15.16 43.20
C ASN G 197 -23.65 14.53 44.56
N VAL G 198 -23.19 15.24 45.61
CA VAL G 198 -23.05 14.58 46.88
C VAL G 198 -24.39 14.15 47.40
N GLY G 199 -24.59 12.82 47.49
CA GLY G 199 -25.80 12.26 48.01
C GLY G 199 -25.90 12.47 49.49
N SER G 200 -24.84 12.11 50.25
CA SER G 200 -24.87 12.26 51.67
C SER G 200 -23.44 12.42 52.12
N LEU G 201 -23.24 13.14 53.24
CA LEU G 201 -21.92 13.36 53.76
C LEU G 201 -21.93 12.91 55.18
N VAL G 202 -20.80 12.37 55.68
CA VAL G 202 -20.80 11.95 57.04
C VAL G 202 -19.43 12.22 57.60
N VAL G 203 -19.32 12.40 58.92
CA VAL G 203 -18.04 12.56 59.55
C VAL G 203 -17.96 11.49 60.59
N LYS G 204 -16.74 11.06 60.96
CA LYS G 204 -16.69 10.06 61.98
C LYS G 204 -15.29 9.97 62.50
N SER G 205 -15.17 9.63 63.80
CA SER G 205 -13.90 9.44 64.42
C SER G 205 -13.52 8.02 64.13
N SER G 206 -12.29 7.61 64.51
CA SER G 206 -11.89 6.26 64.20
C SER G 206 -12.86 5.32 64.85
N MET G 207 -12.95 5.40 66.19
CA MET G 207 -13.78 4.59 67.03
C MET G 207 -15.23 4.97 66.92
N GLY G 208 -15.54 6.25 66.69
CA GLY G 208 -16.90 6.75 66.76
C GLY G 208 -17.71 6.40 65.54
N PRO G 209 -19.00 6.49 65.78
CA PRO G 209 -19.98 6.24 64.77
C PRO G 209 -20.06 7.38 63.82
N ALA G 210 -20.52 7.13 62.58
CA ALA G 210 -20.63 8.16 61.60
C ALA G 210 -21.85 8.96 61.88
N PHE G 211 -21.76 10.28 61.64
CA PHE G 211 -22.94 11.11 61.76
C PHE G 211 -23.11 11.82 60.48
N ARG G 212 -24.38 11.86 60.00
CA ARG G 212 -24.66 12.47 58.75
C ARG G 212 -24.65 13.95 58.94
N LEU G 213 -24.20 14.67 57.90
CA LEU G 213 -24.16 16.10 57.97
C LEU G 213 -25.59 16.53 58.25
N ASN H 1 24.96 47.69 -56.35
CA ASN H 1 25.31 46.44 -57.06
C ASN H 1 25.14 45.24 -56.20
N PRO H 2 26.03 45.00 -55.26
CA PRO H 2 25.92 43.85 -54.40
C PRO H 2 24.57 43.85 -53.75
N MET H 3 24.00 45.06 -53.50
CA MET H 3 22.74 45.18 -52.87
C MET H 3 21.69 44.56 -53.74
N ARG H 4 21.76 44.83 -55.06
CA ARG H 4 20.78 44.43 -56.02
C ARG H 4 20.75 42.95 -56.11
N ASP H 5 21.91 42.31 -55.88
CA ASP H 5 22.01 40.89 -56.03
C ASP H 5 20.95 40.22 -55.21
N LEU H 6 20.58 38.99 -55.62
CA LEU H 6 19.54 38.26 -54.95
C LEU H 6 20.15 37.16 -54.13
N LYS H 7 19.65 37.03 -52.87
CA LYS H 7 20.09 36.00 -51.99
C LYS H 7 18.87 35.40 -51.36
N ILE H 8 19.00 34.23 -50.70
CA ILE H 8 17.82 33.67 -50.15
C ILE H 8 17.68 34.00 -48.74
N GLU H 9 16.52 34.60 -48.44
CA GLU H 9 16.17 34.85 -47.10
C GLU H 9 15.44 33.62 -46.80
N LYS H 10 14.75 33.62 -45.68
CA LYS H 10 14.15 32.52 -45.05
C LYS H 10 13.52 31.60 -45.99
N LEU H 11 13.97 30.35 -45.92
CA LEU H 11 13.22 29.29 -46.48
C LEU H 11 12.69 28.57 -45.29
N VAL H 12 12.02 27.45 -45.45
CA VAL H 12 11.54 26.83 -44.25
C VAL H 12 10.95 25.65 -44.83
N LEU H 13 11.18 24.44 -44.31
CA LEU H 13 10.54 23.39 -45.01
C LEU H 13 9.17 23.27 -44.44
N ASN H 14 8.51 22.12 -44.62
CA ASN H 14 7.21 22.01 -44.06
C ASN H 14 6.86 20.57 -44.24
N ILE H 15 5.65 20.18 -43.81
CA ILE H 15 5.26 18.83 -43.97
C ILE H 15 3.83 18.86 -44.37
N SER H 16 3.24 17.68 -44.57
CA SER H 16 1.89 17.62 -45.01
C SER H 16 0.99 17.81 -43.86
N VAL H 17 -0.31 17.96 -44.17
CA VAL H 17 -1.30 18.19 -43.19
C VAL H 17 -1.81 16.89 -42.68
N GLY H 18 -2.41 16.93 -41.47
CA GLY H 18 -2.92 15.76 -40.83
C GLY H 18 -2.20 15.75 -39.52
N GLU H 19 -2.40 14.70 -38.70
CA GLU H 19 -1.70 14.67 -37.46
C GLU H 19 -0.30 14.21 -37.79
N SER H 20 0.70 14.49 -36.92
CA SER H 20 2.06 14.09 -37.20
C SER H 20 2.55 13.23 -36.08
N GLY H 21 3.47 12.29 -36.41
CA GLY H 21 4.02 11.44 -35.40
C GLY H 21 2.85 10.73 -34.79
N ASP H 22 1.98 10.15 -35.64
CA ASP H 22 0.77 9.54 -35.15
C ASP H 22 1.08 8.41 -34.23
N ARG H 23 1.90 7.43 -34.66
CA ARG H 23 2.12 6.31 -33.79
C ARG H 23 2.79 6.79 -32.55
N LEU H 24 3.90 7.53 -32.73
CA LEU H 24 4.65 8.10 -31.66
C LEU H 24 5.06 9.41 -32.22
N THR H 25 5.54 10.34 -31.37
CA THR H 25 5.93 11.62 -31.91
C THR H 25 6.98 11.36 -32.94
N ARG H 26 6.57 11.51 -34.20
CA ARG H 26 7.41 11.24 -35.33
C ARG H 26 7.00 12.20 -36.40
N ALA H 27 7.71 12.13 -37.54
CA ALA H 27 7.51 12.97 -38.70
C ALA H 27 8.12 14.29 -38.39
N SER H 28 8.23 14.62 -37.09
CA SER H 28 8.98 15.76 -36.67
C SER H 28 10.38 15.27 -36.69
N LYS H 29 10.55 13.93 -36.57
CA LYS H 29 11.87 13.38 -36.56
C LYS H 29 12.48 13.72 -37.87
N VAL H 30 11.72 13.51 -38.97
CA VAL H 30 12.22 14.04 -40.20
C VAL H 30 11.93 15.48 -40.00
N LEU H 31 12.73 16.37 -40.60
CA LEU H 31 12.77 17.77 -40.30
C LEU H 31 13.69 17.84 -39.13
N GLU H 32 13.97 16.71 -38.48
CA GLU H 32 14.93 16.77 -37.42
C GLU H 32 16.12 16.08 -37.99
N GLN H 33 17.32 16.59 -37.66
CA GLN H 33 18.55 16.11 -38.23
C GLN H 33 18.56 16.55 -39.66
N LEU H 34 17.56 17.37 -40.02
CA LEU H 34 17.47 17.97 -41.30
C LEU H 34 17.13 19.38 -40.95
N SER H 35 17.92 20.34 -41.41
CA SER H 35 17.68 21.74 -41.17
C SER H 35 18.09 22.23 -39.81
N GLY H 36 18.25 21.37 -38.80
CA GLY H 36 18.84 21.85 -37.58
C GLY H 36 17.84 22.28 -36.54
N GLN H 37 16.65 22.79 -36.93
CA GLN H 37 15.76 23.23 -35.89
C GLN H 37 14.60 22.29 -35.90
N THR H 38 13.58 22.56 -35.05
CA THR H 38 12.41 21.73 -35.05
C THR H 38 11.16 22.54 -34.89
N PRO H 39 10.53 22.99 -35.97
CA PRO H 39 9.29 23.69 -35.76
C PRO H 39 8.14 22.78 -35.66
N VAL H 40 7.04 23.32 -35.12
CA VAL H 40 5.81 22.63 -35.04
C VAL H 40 4.81 23.71 -35.20
N GLN H 41 3.62 23.43 -35.78
CA GLN H 41 2.64 24.47 -35.88
C GLN H 41 1.33 23.85 -35.55
N SER H 42 0.23 24.64 -35.68
CA SER H 42 -1.08 24.13 -35.40
C SER H 42 -1.98 24.61 -36.49
N LYS H 43 -3.28 24.26 -36.41
CA LYS H 43 -4.16 24.62 -37.47
C LYS H 43 -5.44 25.07 -36.90
N ALA H 44 -6.33 25.52 -37.79
CA ALA H 44 -7.66 25.99 -37.52
C ALA H 44 -8.49 25.17 -38.45
N ARG H 45 -9.78 25.52 -38.65
CA ARG H 45 -10.64 24.74 -39.51
C ARG H 45 -10.99 23.39 -38.98
N TYR H 46 -12.02 23.41 -38.10
CA TYR H 46 -12.58 22.32 -37.35
C TYR H 46 -13.18 21.19 -38.13
N THR H 47 -14.23 21.36 -38.93
CA THR H 47 -14.74 20.09 -39.34
C THR H 47 -14.08 19.62 -40.56
N VAL H 48 -13.24 18.60 -40.41
CA VAL H 48 -12.77 18.03 -41.61
C VAL H 48 -13.28 16.65 -41.70
N ARG H 49 -13.85 16.34 -42.87
CA ARG H 49 -14.53 15.11 -42.99
C ARG H 49 -13.58 14.00 -42.71
N THR H 50 -12.42 14.00 -43.38
CA THR H 50 -11.53 12.92 -43.03
C THR H 50 -10.39 13.49 -42.36
N PHE H 51 -10.64 14.68 -41.85
CA PHE H 51 -9.57 15.10 -41.09
C PHE H 51 -10.14 15.13 -39.77
N GLY H 52 -9.39 15.82 -38.92
CA GLY H 52 -9.90 15.93 -37.63
C GLY H 52 -10.95 16.93 -37.68
N ILE H 53 -11.47 17.15 -36.49
CA ILE H 53 -12.38 18.17 -36.26
C ILE H 53 -11.84 18.66 -35.00
N ARG H 54 -10.53 18.57 -34.90
CA ARG H 54 -9.95 19.08 -33.73
C ARG H 54 -9.75 20.50 -34.06
N ARG H 55 -9.74 21.39 -33.06
CA ARG H 55 -9.56 22.77 -33.38
C ARG H 55 -8.10 22.99 -33.35
N ASN H 56 -7.55 23.30 -32.15
CA ASN H 56 -6.14 23.46 -32.06
C ASN H 56 -5.56 22.17 -32.54
N GLU H 57 -4.71 22.24 -33.58
CA GLU H 57 -4.26 21.06 -34.25
C GLU H 57 -2.81 20.88 -33.98
N LYS H 58 -2.42 19.60 -33.84
CA LYS H 58 -1.08 19.16 -33.65
C LYS H 58 -0.33 19.35 -34.91
N ILE H 59 -1.07 19.36 -36.06
CA ILE H 59 -0.65 19.47 -37.45
C ILE H 59 0.79 19.88 -37.50
N ALA H 60 1.59 19.10 -38.26
CA ALA H 60 3.01 19.02 -38.21
C ALA H 60 3.90 20.22 -38.53
N VAL H 61 3.54 21.05 -39.51
CA VAL H 61 4.34 22.09 -40.14
C VAL H 61 5.51 22.67 -39.43
N HIS H 62 6.54 23.00 -40.25
CA HIS H 62 7.70 23.53 -39.62
C HIS H 62 8.87 23.74 -40.51
N VAL H 63 9.84 24.47 -39.92
CA VAL H 63 11.15 24.74 -40.38
C VAL H 63 11.13 26.19 -40.61
N THR H 64 12.23 26.74 -41.10
CA THR H 64 12.42 28.12 -41.27
C THR H 64 13.78 28.05 -41.82
N VAL H 65 14.65 28.97 -41.43
CA VAL H 65 15.94 29.04 -42.02
C VAL H 65 16.63 30.16 -41.33
N ARG H 66 17.29 31.00 -42.16
CA ARG H 66 18.15 31.99 -41.61
C ARG H 66 19.04 32.49 -42.66
N GLY H 67 20.35 32.57 -42.29
CA GLY H 67 21.53 32.61 -43.10
C GLY H 67 22.57 32.06 -42.16
N PRO H 68 23.49 31.10 -42.31
CA PRO H 68 23.72 30.14 -43.38
C PRO H 68 23.04 28.79 -43.30
N LYS H 69 22.16 28.49 -42.33
CA LYS H 69 21.56 27.18 -42.18
C LYS H 69 20.82 26.70 -43.42
N ALA H 70 20.07 27.58 -44.14
CA ALA H 70 19.45 27.26 -45.37
C ALA H 70 20.21 27.89 -46.45
N GLU H 71 21.34 27.22 -46.67
CA GLU H 71 22.49 27.11 -47.52
C GLU H 71 22.87 26.00 -46.68
N GLU H 72 23.67 25.03 -47.13
CA GLU H 72 23.86 23.87 -46.32
C GLU H 72 22.54 23.48 -45.74
N ILE H 73 21.65 23.13 -46.67
CA ILE H 73 20.27 22.77 -46.72
C ILE H 73 19.86 23.69 -47.80
N LEU H 74 19.08 23.23 -48.80
CA LEU H 74 18.91 24.02 -49.99
C LEU H 74 20.25 23.95 -50.62
N GLU H 75 20.96 22.87 -50.25
CA GLU H 75 22.18 22.34 -50.75
C GLU H 75 21.91 20.90 -50.49
N ARG H 76 21.94 20.04 -51.53
CA ARG H 76 21.53 18.68 -51.34
C ARG H 76 20.06 18.70 -51.02
N GLY H 77 19.41 19.85 -51.30
CA GLY H 77 18.00 20.08 -51.18
C GLY H 77 17.57 20.15 -52.59
N LEU H 78 17.81 21.31 -53.23
CA LEU H 78 17.61 21.37 -54.63
C LEU H 78 18.58 20.34 -55.12
N LYS H 79 18.36 19.79 -56.34
CA LYS H 79 19.08 18.64 -56.81
C LYS H 79 18.43 17.44 -56.21
N VAL H 80 17.18 17.65 -55.76
CA VAL H 80 16.34 16.56 -55.36
C VAL H 80 15.29 16.57 -56.42
N LYS H 81 14.10 16.06 -56.09
CA LYS H 81 13.13 15.95 -57.13
C LYS H 81 12.79 17.27 -57.72
N GLU H 82 13.10 17.40 -59.03
CA GLU H 82 12.69 18.51 -59.83
C GLU H 82 12.51 17.94 -61.20
N TYR H 83 11.28 17.52 -61.56
CA TYR H 83 11.13 17.05 -62.91
C TYR H 83 11.41 18.25 -63.73
N GLN H 84 10.74 19.36 -63.36
CA GLN H 84 11.02 20.64 -63.90
C GLN H 84 11.36 21.45 -62.70
N LEU H 85 12.66 21.74 -62.52
CA LEU H 85 13.04 22.41 -61.30
C LEU H 85 12.38 23.74 -61.34
N ARG H 86 12.48 24.44 -62.48
CA ARG H 86 11.92 25.76 -62.51
C ARG H 86 11.34 25.98 -63.88
N ASP H 87 10.58 27.10 -64.01
CA ASP H 87 9.96 27.58 -65.22
C ASP H 87 8.84 28.44 -64.78
N ARG H 88 7.65 27.96 -65.19
CA ARG H 88 6.34 28.41 -64.87
C ARG H 88 6.23 28.17 -63.39
N ASN H 89 7.07 27.23 -62.90
CA ASN H 89 7.01 26.74 -61.55
C ASN H 89 7.01 27.90 -60.60
N PHE H 90 8.00 28.82 -60.68
CA PHE H 90 7.81 29.91 -59.78
C PHE H 90 7.51 31.15 -60.46
N SER H 91 7.09 32.14 -59.65
CA SER H 91 6.48 33.21 -60.34
C SER H 91 7.00 34.55 -59.95
N ALA H 92 6.25 35.57 -60.40
CA ALA H 92 6.57 36.93 -60.19
C ALA H 92 6.60 37.21 -58.74
N THR H 93 7.82 37.49 -58.27
CA THR H 93 8.11 37.78 -56.90
C THR H 93 9.51 37.32 -56.79
N GLY H 94 9.80 36.25 -57.56
CA GLY H 94 11.04 35.57 -57.54
C GLY H 94 10.72 34.10 -57.50
N ASN H 95 11.09 33.45 -56.39
CA ASN H 95 11.02 32.03 -56.21
C ASN H 95 9.71 31.51 -55.75
N PHE H 96 9.55 30.19 -55.99
CA PHE H 96 8.44 29.43 -55.52
C PHE H 96 8.86 28.04 -55.28
N GLY H 97 7.82 27.27 -54.87
CA GLY H 97 7.83 25.86 -54.71
C GLY H 97 6.41 25.45 -54.95
N PHE H 98 6.15 24.54 -55.92
CA PHE H 98 4.78 24.16 -56.17
C PHE H 98 4.82 22.82 -56.81
N GLY H 99 3.71 22.53 -57.53
CA GLY H 99 3.44 21.32 -58.26
C GLY H 99 2.28 21.67 -59.13
N ILE H 100 1.19 20.87 -59.06
CA ILE H 100 0.03 21.24 -59.83
C ILE H 100 -0.96 21.75 -58.84
N ASP H 101 -1.54 22.94 -59.11
CA ASP H 101 -2.48 23.48 -58.18
C ASP H 101 -3.86 22.96 -58.51
N GLU H 102 -4.82 23.22 -57.61
CA GLU H 102 -6.18 22.77 -57.78
C GLU H 102 -7.07 23.97 -57.74
N HIS H 103 -8.28 23.85 -58.31
CA HIS H 103 -9.18 24.97 -58.24
C HIS H 103 -9.60 25.10 -56.83
N ILE H 104 -9.10 26.15 -56.16
CA ILE H 104 -9.43 26.41 -54.80
C ILE H 104 -9.57 27.90 -54.70
N ASP H 105 -10.21 28.40 -53.63
CA ASP H 105 -10.33 29.82 -53.52
C ASP H 105 -8.99 30.34 -53.11
N LEU H 106 -8.37 31.19 -53.96
CA LEU H 106 -7.08 31.75 -53.64
C LEU H 106 -7.11 33.20 -53.96
N GLY H 107 -6.04 33.91 -53.52
CA GLY H 107 -5.82 35.27 -53.93
C GLY H 107 -6.20 36.21 -52.85
N ILE H 108 -7.37 36.02 -52.21
CA ILE H 108 -7.69 36.99 -51.22
C ILE H 108 -7.34 36.43 -49.90
N LYS H 109 -6.01 36.45 -49.60
CA LYS H 109 -5.59 35.91 -48.36
C LYS H 109 -4.17 36.37 -48.25
N TYR H 110 -3.50 36.00 -47.15
CA TYR H 110 -2.13 36.35 -46.92
C TYR H 110 -1.35 35.59 -47.94
N ASP H 111 -1.99 34.55 -48.51
CA ASP H 111 -1.44 33.63 -49.47
C ASP H 111 -0.47 32.59 -48.93
N PRO H 112 -0.71 31.94 -47.81
CA PRO H 112 0.11 30.80 -47.49
C PRO H 112 -0.40 29.80 -48.47
N SER H 113 0.37 28.75 -48.82
CA SER H 113 -0.18 27.88 -49.83
C SER H 113 0.06 26.45 -49.50
N ILE H 114 -0.82 25.60 -50.05
CA ILE H 114 -0.78 24.19 -49.97
C ILE H 114 0.41 23.68 -50.74
N GLY H 115 0.66 24.29 -51.92
CA GLY H 115 1.68 23.99 -52.91
C GLY H 115 2.78 23.16 -52.35
N ILE H 116 3.15 22.09 -53.09
CA ILE H 116 4.17 21.22 -52.59
C ILE H 116 5.26 21.08 -53.61
N PHE H 117 6.45 21.67 -53.36
CA PHE H 117 7.59 21.42 -54.20
C PHE H 117 8.54 20.72 -53.28
N GLY H 118 8.80 19.42 -53.48
CA GLY H 118 9.55 18.68 -52.50
C GLY H 118 8.60 18.53 -51.36
N MET H 119 9.07 18.23 -50.12
CA MET H 119 8.16 18.28 -49.00
C MET H 119 8.06 19.74 -48.86
N ASP H 120 7.05 20.31 -49.56
CA ASP H 120 6.84 21.71 -49.82
C ASP H 120 7.88 22.59 -49.25
N PHE H 121 8.83 22.92 -50.14
CA PHE H 121 10.02 23.71 -50.01
C PHE H 121 9.54 25.12 -50.16
N TYR H 122 10.21 26.08 -49.50
CA TYR H 122 9.77 27.44 -49.69
C TYR H 122 10.98 28.26 -49.92
N VAL H 123 11.56 28.32 -51.13
CA VAL H 123 12.68 29.22 -51.18
C VAL H 123 12.06 30.53 -51.39
N VAL H 124 12.41 31.56 -50.61
CA VAL H 124 11.82 32.81 -50.98
C VAL H 124 12.97 33.68 -51.33
N MET H 125 12.86 34.43 -52.43
CA MET H 125 14.01 35.22 -52.76
C MET H 125 13.70 36.67 -52.61
N ASN H 126 14.67 37.41 -52.02
CA ASN H 126 14.60 38.84 -51.94
C ASN H 126 15.99 39.36 -51.89
N ARG H 127 16.21 40.47 -52.63
CA ARG H 127 17.46 41.16 -52.78
C ARG H 127 18.00 41.82 -51.57
N PRO H 128 17.26 42.78 -51.08
CA PRO H 128 17.84 44.07 -51.23
C PRO H 128 18.02 44.52 -49.87
N GLY H 129 17.57 45.76 -49.67
CA GLY H 129 17.44 46.32 -48.38
C GLY H 129 16.39 45.52 -47.72
N ALA H 130 15.41 45.04 -48.52
CA ALA H 130 14.18 44.41 -48.12
C ALA H 130 14.32 43.68 -46.85
N ARG H 131 13.79 44.38 -45.85
CA ARG H 131 13.62 44.04 -44.50
C ARG H 131 12.83 45.22 -44.18
N VAL H 132 12.74 46.08 -45.21
CA VAL H 132 12.06 47.32 -45.21
C VAL H 132 10.63 47.02 -45.09
N THR H 133 10.13 46.24 -46.06
CA THR H 133 8.73 45.96 -46.16
C THR H 133 8.27 45.20 -44.96
N ARG H 134 9.03 44.14 -44.61
CA ARG H 134 8.63 43.24 -43.57
C ARG H 134 8.62 43.88 -42.21
N ARG H 135 9.66 44.67 -41.93
CA ARG H 135 9.85 45.18 -40.61
C ARG H 135 8.83 46.16 -40.22
N LYS H 136 8.42 46.04 -38.94
CA LYS H 136 7.45 46.88 -38.30
C LYS H 136 8.12 48.19 -38.07
N ARG H 137 7.47 49.26 -38.56
CA ARG H 137 7.96 50.61 -38.48
C ARG H 137 7.37 51.21 -39.70
N CYS H 138 7.96 52.30 -40.21
CA CYS H 138 7.45 52.72 -41.49
C CYS H 138 7.80 51.57 -42.38
N LYS H 139 6.78 50.78 -42.78
CA LYS H 139 7.02 49.57 -43.50
C LYS H 139 7.63 49.86 -44.82
N GLY H 140 7.03 50.77 -45.59
CA GLY H 140 7.56 50.98 -46.91
C GLY H 140 7.05 49.85 -47.72
N THR H 141 7.22 49.94 -49.06
CA THR H 141 6.78 48.87 -49.89
C THR H 141 7.90 48.62 -50.82
N VAL H 142 7.94 47.40 -51.41
CA VAL H 142 8.98 47.17 -52.36
C VAL H 142 8.67 48.07 -53.51
N GLY H 143 9.72 48.50 -54.23
CA GLY H 143 9.65 49.45 -55.30
C GLY H 143 8.84 48.95 -56.46
N ASN H 144 8.82 47.64 -56.72
CA ASN H 144 8.21 47.14 -57.92
C ASN H 144 9.10 47.60 -59.02
N SER H 145 10.37 47.77 -58.65
CA SER H 145 11.48 48.15 -59.47
C SER H 145 12.54 47.23 -59.00
N HIS H 146 13.09 47.54 -57.81
CA HIS H 146 14.03 46.67 -57.22
C HIS H 146 13.23 45.57 -56.64
N LYS H 147 12.49 44.83 -57.50
CA LYS H 147 11.74 43.71 -57.05
C LYS H 147 12.34 42.55 -57.77
N THR H 148 12.11 41.31 -57.28
CA THR H 148 12.73 40.21 -57.95
C THR H 148 11.97 39.97 -59.20
N THR H 149 12.69 39.44 -60.22
CA THR H 149 12.05 39.08 -61.44
C THR H 149 12.25 37.61 -61.54
N LYS H 150 11.27 36.89 -62.13
CA LYS H 150 11.40 35.47 -62.19
C LYS H 150 12.62 35.19 -63.00
N GLU H 151 12.91 36.01 -64.03
CA GLU H 151 14.06 35.70 -64.82
C GLU H 151 15.29 35.81 -63.98
N ASP H 152 15.41 36.88 -63.18
CA ASP H 152 16.58 37.05 -62.38
C ASP H 152 16.60 35.95 -61.39
N THR H 153 15.40 35.56 -60.93
CA THR H 153 15.27 34.58 -59.91
C THR H 153 15.69 33.24 -60.43
N VAL H 154 15.28 32.90 -61.66
CA VAL H 154 15.73 31.67 -62.23
C VAL H 154 17.06 32.01 -62.79
N SER H 155 17.95 32.43 -61.89
CA SER H 155 19.32 32.78 -62.10
C SER H 155 19.80 32.74 -60.70
N TRP H 156 21.09 33.03 -60.42
CA TRP H 156 21.48 32.88 -59.05
C TRP H 156 21.33 31.42 -58.82
N PHE H 157 20.31 30.98 -58.06
CA PHE H 157 20.21 29.55 -57.98
C PHE H 157 19.90 29.07 -59.35
N LYS H 158 20.86 28.29 -59.89
CA LYS H 158 20.93 27.69 -61.18
C LYS H 158 22.34 27.88 -61.58
N GLN H 159 22.84 29.12 -61.33
CA GLN H 159 24.20 29.39 -61.64
C GLN H 159 24.95 28.43 -60.79
N LYS H 160 24.44 28.24 -59.55
CA LYS H 160 25.09 27.31 -58.69
C LYS H 160 24.33 26.02 -58.62
N TYR H 161 25.10 24.93 -58.53
CA TYR H 161 24.78 23.57 -58.18
C TYR H 161 23.83 22.86 -59.08
N ASP H 162 22.98 23.56 -59.85
CA ASP H 162 22.02 22.77 -60.59
C ASP H 162 21.48 23.57 -61.72
N ALA H 163 21.11 22.84 -62.79
CA ALA H 163 20.56 23.40 -63.99
C ALA H 163 19.14 23.77 -63.76
N ASP H 164 18.70 24.81 -64.50
CA ASP H 164 17.35 25.33 -64.45
C ASP H 164 16.38 24.33 -64.94
N VAL H 165 16.65 23.72 -66.10
CA VAL H 165 15.72 22.78 -66.64
C VAL H 165 14.46 23.52 -67.04
#